data_7LKQ
#
_entry.id   7LKQ
#
_cell.length_a   96.100
_cell.length_b   96.100
_cell.length_c   146.334
_cell.angle_alpha   90.000
_cell.angle_beta   90.000
_cell.angle_gamma   90.000
#
_symmetry.space_group_name_H-M   'P 42 21 2'
#
loop_
_entity.id
_entity.type
_entity.pdbx_description
1 polymer FimX(GGDEF-EAL)
2 polymer 'Type IV fimbriae assembly protein'
3 non-polymer "9,9'-[(2R,3R,3aS,5S,7aR,9R,10R,10aS,12S,14aR)-3,5,10,12-tetrahydroxy-5,12-dioxidooctahydro-2H,7H-difuro[3,2-d:3',2'-j][1,3,7,9,2,8]tetraoxadiphosphacyclododecine-2,9-diyl]bis(2-amino-1,9-dihydro-6H-purin-6-one)"
4 non-polymer 'SULFATE ION'
5 non-polymer 'MAGNESIUM ION'
#
loop_
_entity_poly.entity_id
_entity_poly.type
_entity_poly.pdbx_seq_one_letter_code
_entity_poly.pdbx_strand_id
1 'polypeptide(L)'
;EEFDPELAREVEDLRQRDQVTGLLNRPTFMVALEQAVAQAGRSEGQSGFLLIEPDHYARILPEFGLDSADALIAALAAHV
ASVLDDSVLAARFGEHSFALLLNGNYARTHALAETVRNAFAQHVFSVGTRSATVTVSIGGVQIGEKIASIGQVLNRGTEA
VRTTAELGGNAVSIYDPAAADRAEEERIERWVEQLREALVGDGFLLHYQPVLNLQGEPLELYQAFLRLERNGEMMSPNAF
MAIAEEHDLVTEIDRWVVARAIRQLGERQRAGHKTHLLVRIGPNSFSDPQMIDTIREQLAVYGVPGERLWLQTPESKVFT
HLRNAQQFLAAVSAMDCKVGLEQFGSGLDSFQLLAHFHPAFLKLDRGITGDIASARDSQEKIREITSRAQPAGILTMAEF
VADAQSMSSFFSAGVDYVQGDFVAPTGPLMNYEFG
;
A
2 'polypeptide(L)'
;MSAMNARQGILSLALKDKPALYSAYMPFVKGGGIFVPTPKRYMLGDEVFLLLTLPDSSERLPVAGKVIWTTPAGAQGNRA
AGIGVQFPDGPEGEAVRNKIETLLAG
;
B
#
# COMPACT_ATOMS: atom_id res chain seq x y z
N ARG A 182 10.80 23.50 17.21
CA ARG A 182 10.33 24.50 16.26
C ARG A 182 11.32 24.66 15.12
N ALA A 183 12.53 24.13 15.32
CA ALA A 183 13.50 24.09 14.24
C ALA A 183 13.02 23.20 13.12
N GLU A 184 12.41 22.05 13.47
CA GLU A 184 11.89 21.09 12.52
C GLU A 184 10.61 21.55 11.84
N GLU A 185 9.94 22.53 12.42
CA GLU A 185 8.68 22.95 11.85
C GLU A 185 8.88 23.58 10.49
N GLU A 186 10.07 24.14 10.24
CA GLU A 186 10.32 24.64 8.89
C GLU A 186 10.54 23.48 7.92
N ARG A 187 11.09 22.35 8.43
CA ARG A 187 11.28 21.18 7.57
C ARG A 187 9.96 20.53 7.21
N ILE A 188 9.01 20.52 8.15
CA ILE A 188 7.66 20.03 7.85
C ILE A 188 7.09 20.77 6.65
N GLU A 189 7.28 22.09 6.59
CA GLU A 189 6.68 22.86 5.50
C GLU A 189 7.45 22.70 4.21
N ARG A 190 8.78 22.54 4.27
CA ARG A 190 9.52 22.07 3.10
C ARG A 190 8.78 20.89 2.48
N TRP A 191 8.43 19.91 3.32
CA TRP A 191 7.76 18.70 2.82
C TRP A 191 6.38 19.01 2.25
N VAL A 192 5.59 19.83 2.95
CA VAL A 192 4.22 20.08 2.53
C VAL A 192 4.17 20.82 1.20
N GLU A 193 5.06 21.81 1.01
CA GLU A 193 5.11 22.50 -0.27
C GLU A 193 5.55 21.56 -1.39
N GLN A 194 6.53 20.66 -1.11
CA GLN A 194 6.87 19.63 -2.09
C GLN A 194 5.64 18.81 -2.47
N LEU A 195 4.78 18.51 -1.48
CA LEU A 195 3.60 17.68 -1.72
C LEU A 195 2.58 18.38 -2.61
N ARG A 196 2.21 19.62 -2.26
CA ARG A 196 1.20 20.31 -3.05
C ARG A 196 1.68 20.56 -4.48
N GLU A 197 2.98 20.89 -4.66
CA GLU A 197 3.51 21.01 -6.02
C GLU A 197 3.47 19.68 -6.75
N ALA A 198 3.55 18.55 -6.03
CA ALA A 198 3.38 17.26 -6.68
C ALA A 198 1.93 17.00 -7.04
N LEU A 199 1.00 17.43 -6.19
CA LEU A 199 -0.42 17.33 -6.49
C LEU A 199 -0.74 18.01 -7.81
N VAL A 200 -0.14 19.18 -8.05
CA VAL A 200 -0.50 20.00 -9.21
C VAL A 200 0.43 19.82 -10.40
N GLY A 201 1.60 19.20 -10.22
CA GLY A 201 2.49 18.98 -11.34
C GLY A 201 3.15 17.63 -11.30
N ASP A 202 4.17 17.43 -12.13
CA ASP A 202 4.91 16.18 -12.14
C ASP A 202 5.63 15.99 -10.81
N GLY A 203 5.70 14.74 -10.35
CA GLY A 203 6.37 14.37 -9.13
C GLY A 203 5.84 13.05 -8.63
N PHE A 204 4.53 13.01 -8.44
CA PHE A 204 3.81 11.77 -8.22
C PHE A 204 3.95 10.84 -9.41
N LEU A 205 4.05 9.56 -9.15
CA LEU A 205 3.94 8.56 -10.20
C LEU A 205 3.30 7.31 -9.63
N LEU A 206 3.16 6.30 -10.49
CA LEU A 206 2.50 5.07 -10.10
C LEU A 206 3.32 3.88 -10.53
N HIS A 207 3.35 2.87 -9.67
CA HIS A 207 3.97 1.58 -9.94
C HIS A 207 2.91 0.49 -9.85
N TYR A 208 3.16 -0.65 -10.49
CA TYR A 208 2.10 -1.60 -10.85
C TYR A 208 2.52 -3.02 -10.54
N GLN A 209 1.73 -3.71 -9.71
CA GLN A 209 2.01 -5.09 -9.35
C GLN A 209 0.98 -6.03 -9.93
N PRO A 210 1.38 -7.12 -10.58
CA PRO A 210 0.40 -8.04 -11.14
C PRO A 210 -0.38 -8.74 -10.06
N VAL A 211 -1.68 -8.81 -10.28
CA VAL A 211 -2.58 -9.66 -9.53
C VAL A 211 -2.97 -10.80 -10.46
N LEU A 212 -2.80 -12.03 -9.99
CA LEU A 212 -2.87 -13.23 -10.82
C LEU A 212 -4.08 -14.08 -10.45
N ASN A 213 -4.82 -14.55 -11.45
CA ASN A 213 -6.00 -15.39 -11.25
C ASN A 213 -5.56 -16.84 -11.15
N LEU A 214 -5.51 -17.33 -9.92
CA LEU A 214 -5.18 -18.72 -9.66
C LEU A 214 -6.12 -19.65 -10.41
N GLN A 215 -7.43 -19.48 -10.18
CA GLN A 215 -8.40 -20.48 -10.60
C GLN A 215 -8.41 -20.64 -12.11
N GLY A 216 -8.21 -19.55 -12.83
CA GLY A 216 -7.97 -19.68 -14.25
C GLY A 216 -8.98 -18.99 -15.14
N GLU A 217 -9.35 -17.75 -14.81
CA GLU A 217 -10.02 -16.86 -15.76
C GLU A 217 -9.09 -15.67 -15.97
N PRO A 218 -8.01 -15.85 -16.74
CA PRO A 218 -6.91 -14.88 -16.72
C PRO A 218 -7.37 -13.50 -17.17
N LEU A 219 -7.17 -12.54 -16.29
CA LEU A 219 -7.59 -11.18 -16.51
C LEU A 219 -6.39 -10.28 -16.31
N GLU A 220 -6.18 -9.37 -17.24
CA GLU A 220 -5.08 -8.42 -17.07
C GLU A 220 -5.42 -7.55 -15.88
N LEU A 221 -4.91 -7.89 -14.71
CA LEU A 221 -5.21 -7.15 -13.48
C LEU A 221 -3.92 -6.74 -12.79
N TYR A 222 -3.80 -5.44 -12.48
CA TYR A 222 -2.68 -4.89 -11.71
C TYR A 222 -3.22 -4.07 -10.54
N GLN A 223 -2.47 -4.03 -9.43
CA GLN A 223 -2.72 -3.09 -8.34
C GLN A 223 -1.73 -1.94 -8.44
N ALA A 224 -2.25 -0.73 -8.25
CA ALA A 224 -1.49 0.49 -8.40
C ALA A 224 -1.00 0.98 -7.04
N PHE A 225 0.27 1.36 -7.01
CA PHE A 225 0.95 1.88 -5.85
C PHE A 225 1.45 3.28 -6.16
N LEU A 226 1.08 4.23 -5.31
CA LEU A 226 1.56 5.60 -5.39
C LEU A 226 3.04 5.71 -5.07
N ARG A 227 3.72 6.63 -5.76
N ARG A 227 3.71 6.67 -5.70
CA ARG A 227 5.13 6.93 -5.42
CA ARG A 227 5.09 6.98 -5.36
C ARG A 227 5.38 8.42 -5.64
C ARG A 227 5.34 8.45 -5.62
N LEU A 228 6.46 8.94 -5.07
CA LEU A 228 6.86 10.34 -5.22
C LEU A 228 8.33 10.43 -5.59
N GLU A 229 8.64 11.20 -6.64
CA GLU A 229 10.00 11.27 -7.17
C GLU A 229 10.51 12.70 -7.10
N ARG A 230 11.63 12.89 -6.40
CA ARG A 230 12.32 14.18 -6.25
C ARG A 230 13.75 13.99 -6.73
N ASN A 231 13.99 14.35 -7.99
CA ASN A 231 15.31 14.27 -8.58
C ASN A 231 15.91 12.89 -8.35
N GLY A 232 15.24 11.88 -8.91
CA GLY A 232 15.69 10.52 -8.79
C GLY A 232 15.48 9.89 -7.43
N GLU A 233 15.24 10.68 -6.39
CA GLU A 233 14.91 10.15 -5.07
C GLU A 233 13.46 9.69 -5.10
N MET A 234 13.26 8.38 -5.09
CA MET A 234 11.92 7.82 -4.97
C MET A 234 11.55 7.64 -3.51
N MET A 235 10.27 7.76 -3.22
CA MET A 235 9.78 7.63 -1.85
C MET A 235 8.34 7.14 -1.83
N SER A 236 8.03 6.34 -0.80
CA SER A 236 6.90 5.50 -0.42
C SER A 236 5.90 6.28 0.41
N PRO A 237 4.61 6.08 0.15
CA PRO A 237 3.58 6.82 0.90
C PRO A 237 3.69 6.62 2.37
N ASN A 238 4.48 5.66 2.83
CA ASN A 238 4.71 5.57 4.26
C ASN A 238 5.57 6.72 4.77
N ALA A 239 6.37 7.32 3.89
CA ALA A 239 7.17 8.47 4.31
C ALA A 239 6.30 9.69 4.54
N PHE A 240 5.35 9.94 3.65
CA PHE A 240 4.72 11.26 3.57
C PHE A 240 3.24 11.29 3.91
N MET A 241 2.56 10.15 3.97
CA MET A 241 1.14 10.22 4.29
C MET A 241 0.90 10.72 5.72
N ALA A 242 1.88 10.54 6.60
CA ALA A 242 1.72 10.95 7.99
C ALA A 242 1.56 12.46 8.10
N ILE A 243 2.41 13.19 7.38
CA ILE A 243 2.28 14.63 7.22
C ILE A 243 0.98 14.97 6.51
N ALA A 244 0.75 14.34 5.35
CA ALA A 244 -0.40 14.69 4.52
C ALA A 244 -1.70 14.65 5.31
N GLU A 245 -1.84 13.70 6.23
CA GLU A 245 -3.07 13.66 7.00
C GLU A 245 -3.20 14.86 7.93
N GLU A 246 -2.07 15.40 8.41
CA GLU A 246 -2.12 16.54 9.32
C GLU A 246 -2.65 17.79 8.64
N HIS A 247 -2.86 17.72 7.32
CA HIS A 247 -3.30 18.85 6.52
C HIS A 247 -4.53 18.52 5.67
N ASP A 248 -5.31 17.52 6.09
CA ASP A 248 -6.55 17.08 5.43
C ASP A 248 -6.40 17.05 3.92
N LEU A 249 -5.23 16.56 3.49
CA LEU A 249 -4.81 16.50 2.10
C LEU A 249 -5.00 15.12 1.47
N VAL A 250 -5.47 14.14 2.23
CA VAL A 250 -5.51 12.76 1.75
C VAL A 250 -6.49 12.62 0.60
N THR A 251 -7.57 13.40 0.65
CA THR A 251 -8.64 13.26 -0.33
C THR A 251 -8.15 13.64 -1.73
N GLU A 252 -7.43 14.77 -1.84
CA GLU A 252 -6.90 15.23 -3.13
C GLU A 252 -5.91 14.22 -3.69
N ILE A 253 -5.14 13.58 -2.81
CA ILE A 253 -4.17 12.57 -3.25
C ILE A 253 -4.86 11.35 -3.83
N ASP A 254 -5.86 10.81 -3.11
CA ASP A 254 -6.58 9.66 -3.64
C ASP A 254 -7.28 10.00 -4.95
N ARG A 255 -7.69 11.27 -5.11
CA ARG A 255 -8.19 11.74 -6.40
C ARG A 255 -7.12 11.65 -7.47
N TRP A 256 -5.91 12.11 -7.16
CA TRP A 256 -4.82 11.96 -8.12
C TRP A 256 -4.63 10.49 -8.50
N VAL A 257 -4.62 9.61 -7.50
CA VAL A 257 -4.38 8.19 -7.76
C VAL A 257 -5.39 7.68 -8.77
N VAL A 258 -6.66 7.80 -8.42
CA VAL A 258 -7.73 7.32 -9.27
C VAL A 258 -7.60 7.91 -10.67
N ALA A 259 -7.34 9.22 -10.75
CA ALA A 259 -7.36 9.90 -12.04
C ALA A 259 -6.21 9.45 -12.94
N ARG A 260 -4.98 9.47 -12.44
CA ARG A 260 -3.87 8.99 -13.25
C ARG A 260 -4.02 7.51 -13.56
N ALA A 261 -4.63 6.76 -12.64
CA ALA A 261 -4.90 5.35 -12.88
C ALA A 261 -5.76 5.17 -14.12
N ILE A 262 -6.79 5.99 -14.24
CA ILE A 262 -7.66 5.89 -15.40
C ILE A 262 -6.94 6.37 -16.67
N ARG A 263 -6.13 7.45 -16.57
CA ARG A 263 -5.36 7.86 -17.75
C ARG A 263 -4.49 6.72 -18.24
N GLN A 264 -3.97 5.94 -17.29
CA GLN A 264 -3.12 4.81 -17.61
C GLN A 264 -3.93 3.68 -18.22
N LEU A 265 -5.16 3.51 -17.74
CA LEU A 265 -6.12 2.63 -18.40
C LEU A 265 -6.39 3.09 -19.83
N GLY A 266 -6.39 4.41 -20.05
CA GLY A 266 -6.63 4.95 -21.38
C GLY A 266 -5.47 4.66 -22.32
N GLU A 267 -4.25 5.04 -21.91
CA GLU A 267 -3.06 4.68 -22.70
C GLU A 267 -3.00 3.18 -22.94
N ARG A 268 -3.51 2.41 -21.98
CA ARG A 268 -3.45 0.97 -22.02
C ARG A 268 -4.49 0.40 -22.98
N GLN A 269 -5.61 1.10 -23.14
CA GLN A 269 -6.62 0.71 -24.12
C GLN A 269 -6.18 1.08 -25.53
N ARG A 270 -5.51 2.24 -25.67
CA ARG A 270 -4.89 2.65 -26.93
C ARG A 270 -3.85 1.64 -27.40
N ALA A 271 -3.12 0.99 -26.48
CA ALA A 271 -2.24 -0.09 -26.92
C ALA A 271 -3.00 -1.36 -27.30
N GLY A 272 -4.32 -1.41 -27.10
CA GLY A 272 -5.08 -2.60 -27.41
C GLY A 272 -5.08 -3.63 -26.32
N HIS A 273 -4.91 -3.22 -25.07
CA HIS A 273 -4.95 -4.11 -23.91
C HIS A 273 -6.18 -3.80 -23.06
N LYS A 274 -6.91 -4.85 -22.67
CA LYS A 274 -8.05 -4.70 -21.75
C LYS A 274 -7.57 -4.94 -20.31
N THR A 275 -6.84 -3.93 -19.81
CA THR A 275 -6.19 -4.01 -18.51
C THR A 275 -7.10 -3.43 -17.44
N HIS A 276 -7.04 -4.01 -16.23
CA HIS A 276 -7.75 -3.51 -15.07
C HIS A 276 -6.77 -2.95 -14.05
N LEU A 277 -7.27 -2.04 -13.22
CA LEU A 277 -6.43 -1.41 -12.20
C LEU A 277 -7.14 -1.40 -10.85
N LEU A 278 -6.46 -1.96 -9.85
CA LEU A 278 -6.87 -1.93 -8.45
C LEU A 278 -6.26 -0.73 -7.76
N VAL A 279 -7.05 -0.04 -6.96
CA VAL A 279 -6.71 1.31 -6.53
C VAL A 279 -7.11 1.47 -5.08
N ARG A 280 -6.14 1.77 -4.21
CA ARG A 280 -6.47 2.04 -2.83
C ARG A 280 -7.10 3.42 -2.75
N ILE A 281 -8.26 3.52 -2.07
CA ILE A 281 -8.84 4.80 -1.70
C ILE A 281 -9.16 4.77 -0.21
N GLY A 282 -9.32 5.98 0.34
CA GLY A 282 -9.62 6.17 1.74
C GLY A 282 -11.09 6.41 2.03
N PRO A 283 -11.44 6.40 3.31
CA PRO A 283 -12.85 6.57 3.67
C PRO A 283 -13.33 8.01 3.59
N ASN A 284 -12.43 9.00 3.73
CA ASN A 284 -12.83 10.37 3.47
C ASN A 284 -13.35 10.55 2.05
N SER A 285 -12.86 9.76 1.11
CA SER A 285 -13.31 9.83 -0.27
C SER A 285 -14.71 9.24 -0.45
N PHE A 286 -15.24 8.56 0.58
CA PHE A 286 -16.67 8.23 0.57
C PHE A 286 -17.50 9.50 0.53
N SER A 287 -17.07 10.51 1.28
CA SER A 287 -17.74 11.80 1.38
C SER A 287 -17.37 12.75 0.25
N ASP A 288 -16.41 12.38 -0.59
CA ASP A 288 -15.88 13.22 -1.65
C ASP A 288 -16.84 13.21 -2.82
N PRO A 289 -17.59 14.29 -3.01
CA PRO A 289 -18.35 14.42 -4.25
C PRO A 289 -17.44 14.60 -5.44
N GLN A 290 -16.30 15.27 -5.21
CA GLN A 290 -15.31 15.45 -6.27
C GLN A 290 -14.78 14.11 -6.74
N MET A 291 -14.71 13.12 -5.86
CA MET A 291 -14.22 11.81 -6.29
C MET A 291 -15.22 11.13 -7.22
N ILE A 292 -16.50 11.19 -6.88
CA ILE A 292 -17.50 10.56 -7.74
C ILE A 292 -17.50 11.25 -9.10
N ASP A 293 -17.44 12.58 -9.09
CA ASP A 293 -17.26 13.32 -10.33
C ASP A 293 -16.05 12.81 -11.08
N THR A 294 -14.88 12.90 -10.45
CA THR A 294 -13.59 12.57 -11.06
C THR A 294 -13.61 11.20 -11.73
N ILE A 295 -14.10 10.18 -11.01
CA ILE A 295 -14.25 8.85 -11.60
C ILE A 295 -15.05 8.95 -12.89
N ARG A 296 -16.26 9.53 -12.80
CA ARG A 296 -17.14 9.62 -13.95
C ARG A 296 -16.46 10.32 -15.12
N GLU A 297 -16.03 11.56 -14.88
CA GLU A 297 -15.38 12.37 -15.90
C GLU A 297 -14.31 11.57 -16.64
N GLN A 298 -13.44 10.90 -15.89
CA GLN A 298 -12.23 10.35 -16.49
C GLN A 298 -12.49 9.06 -17.25
N LEU A 299 -13.41 8.24 -16.75
CA LEU A 299 -13.80 7.08 -17.54
C LEU A 299 -14.36 7.51 -18.88
N ALA A 300 -15.19 8.56 -18.86
CA ALA A 300 -15.73 9.10 -20.10
C ALA A 300 -14.62 9.46 -21.07
N VAL A 301 -13.78 10.44 -20.70
CA VAL A 301 -12.79 10.93 -21.66
C VAL A 301 -11.91 9.80 -22.16
N TYR A 302 -11.46 8.93 -21.27
CA TYR A 302 -10.57 7.89 -21.73
C TYR A 302 -11.33 6.66 -22.22
N GLY A 303 -12.65 6.73 -22.22
CA GLY A 303 -13.44 5.65 -22.73
C GLY A 303 -13.07 4.35 -22.07
N VAL A 304 -13.34 4.27 -20.77
CA VAL A 304 -12.92 3.13 -19.97
C VAL A 304 -14.16 2.54 -19.32
N PRO A 305 -14.46 1.26 -19.54
CA PRO A 305 -15.57 0.63 -18.82
C PRO A 305 -15.30 0.54 -17.33
N GLY A 306 -16.32 0.90 -16.55
CA GLY A 306 -16.13 0.98 -15.11
C GLY A 306 -15.64 -0.29 -14.49
N GLU A 307 -15.95 -1.43 -15.11
CA GLU A 307 -15.46 -2.67 -14.55
C GLU A 307 -13.94 -2.84 -14.74
N ARG A 308 -13.28 -1.87 -15.37
CA ARG A 308 -11.82 -1.83 -15.38
C ARG A 308 -11.26 -1.25 -14.09
N LEU A 309 -12.06 -0.48 -13.36
CA LEU A 309 -11.60 0.18 -12.15
C LEU A 309 -12.07 -0.64 -10.97
N TRP A 310 -11.16 -0.93 -10.06
CA TRP A 310 -11.50 -1.54 -8.79
C TRP A 310 -10.96 -0.65 -7.70
N LEU A 311 -11.84 -0.22 -6.79
CA LEU A 311 -11.45 0.61 -5.66
C LEU A 311 -11.55 -0.26 -4.42
N GLN A 312 -10.50 -0.22 -3.60
CA GLN A 312 -10.47 -1.00 -2.38
C GLN A 312 -10.18 -0.11 -1.20
N THR A 313 -10.75 -0.49 -0.08
CA THR A 313 -10.62 0.25 1.11
C THR A 313 -10.71 -0.81 2.19
N PRO A 314 -10.01 -0.62 3.31
CA PRO A 314 -9.93 -1.66 4.32
C PRO A 314 -11.24 -1.87 5.05
N GLU A 315 -11.40 -3.07 5.60
CA GLU A 315 -12.57 -3.33 6.39
C GLU A 315 -12.60 -2.44 7.64
N SER A 316 -11.45 -2.05 8.16
CA SER A 316 -11.39 -1.21 9.36
C SER A 316 -12.13 0.13 9.15
N LYS A 317 -11.68 0.91 8.17
CA LYS A 317 -12.23 2.25 7.97
C LYS A 317 -13.61 2.20 7.35
N VAL A 318 -13.95 1.13 6.62
CA VAL A 318 -15.32 0.97 6.15
C VAL A 318 -16.26 0.75 7.33
N PHE A 319 -15.79 0.01 8.35
CA PHE A 319 -16.56 -0.12 9.58
C PHE A 319 -16.79 1.26 10.21
N THR A 320 -15.71 1.98 10.51
CA THR A 320 -15.85 3.28 11.15
C THR A 320 -16.84 4.19 10.41
N HIS A 321 -16.81 4.18 9.08
CA HIS A 321 -17.55 5.14 8.26
C HIS A 321 -18.54 4.40 7.37
N LEU A 322 -19.70 4.01 7.92
CA LEU A 322 -20.57 3.10 7.17
C LEU A 322 -21.60 3.80 6.29
N ARG A 323 -22.40 4.71 6.83
CA ARG A 323 -23.44 5.32 6.00
C ARG A 323 -22.83 5.90 4.73
N ASN A 324 -21.73 6.64 4.90
CA ASN A 324 -21.02 7.21 3.76
C ASN A 324 -20.50 6.13 2.82
N ALA A 325 -20.01 5.02 3.39
CA ALA A 325 -19.47 3.93 2.57
C ALA A 325 -20.56 3.32 1.69
N GLN A 326 -21.74 3.13 2.24
CA GLN A 326 -22.85 2.62 1.44
C GLN A 326 -23.21 3.60 0.32
N GLN A 327 -23.34 4.89 0.67
CA GLN A 327 -23.62 5.89 -0.36
C GLN A 327 -22.61 5.79 -1.49
N PHE A 328 -21.32 5.70 -1.13
CA PHE A 328 -20.27 5.68 -2.12
C PHE A 328 -20.30 4.41 -2.95
N LEU A 329 -20.43 3.26 -2.31
CA LEU A 329 -20.49 2.00 -3.03
C LEU A 329 -21.61 2.02 -4.05
N ALA A 330 -22.78 2.53 -3.65
CA ALA A 330 -23.92 2.56 -4.56
C ALA A 330 -23.67 3.49 -5.74
N ALA A 331 -23.22 4.71 -5.47
CA ALA A 331 -22.92 5.63 -6.54
C ALA A 331 -21.91 5.06 -7.51
N VAL A 332 -20.85 4.41 -6.99
CA VAL A 332 -19.72 4.00 -7.82
C VAL A 332 -20.02 2.70 -8.55
N SER A 333 -20.67 1.76 -7.88
CA SER A 333 -21.13 0.55 -8.53
C SER A 333 -22.25 0.83 -9.52
N ALA A 334 -22.87 2.00 -9.41
CA ALA A 334 -23.73 2.48 -10.48
C ALA A 334 -22.97 2.80 -11.77
N MET A 335 -21.64 2.80 -11.75
CA MET A 335 -20.84 3.00 -12.97
C MET A 335 -20.18 1.72 -13.48
N ASP A 336 -20.69 0.55 -13.07
CA ASP A 336 -20.12 -0.78 -13.34
C ASP A 336 -18.72 -0.94 -12.76
N CYS A 337 -18.32 -0.08 -11.83
CA CYS A 337 -17.07 -0.22 -11.10
C CYS A 337 -17.18 -1.32 -10.07
N LYS A 338 -16.03 -1.82 -9.66
CA LYS A 338 -15.97 -2.85 -8.64
C LYS A 338 -15.43 -2.24 -7.35
N VAL A 339 -16.06 -2.59 -6.25
CA VAL A 339 -15.69 -2.08 -4.95
C VAL A 339 -15.40 -3.25 -4.05
N GLY A 340 -14.31 -3.14 -3.28
CA GLY A 340 -13.87 -4.25 -2.46
C GLY A 340 -13.28 -3.80 -1.13
N LEU A 341 -13.00 -4.80 -0.32
CA LEU A 341 -12.45 -4.63 1.02
C LEU A 341 -11.06 -5.21 1.06
N GLU A 342 -10.11 -4.42 1.55
CA GLU A 342 -8.78 -4.93 1.83
C GLU A 342 -8.63 -5.09 3.34
N GLN A 343 -7.54 -5.78 3.73
CA GLN A 343 -7.33 -6.20 5.11
C GLN A 343 -8.55 -6.90 5.66
N PHE A 344 -9.18 -7.70 4.80
CA PHE A 344 -10.33 -8.46 5.24
C PHE A 344 -9.88 -9.63 6.10
N GLY A 345 -10.82 -10.24 6.75
CA GLY A 345 -10.47 -11.27 7.71
C GLY A 345 -10.40 -10.68 9.10
N SER A 346 -9.19 -10.53 9.64
CA SER A 346 -8.99 -9.78 10.87
C SER A 346 -9.92 -10.37 11.93
N GLY A 347 -10.90 -9.57 12.37
CA GLY A 347 -11.74 -9.95 13.48
C GLY A 347 -13.02 -10.63 13.05
N LEU A 348 -13.88 -10.84 14.05
CA LEU A 348 -15.15 -11.54 13.87
C LEU A 348 -16.29 -10.59 13.52
N ASP A 349 -16.06 -9.29 13.65
CA ASP A 349 -16.98 -8.26 13.19
C ASP A 349 -17.04 -8.17 11.67
N SER A 350 -16.15 -8.88 10.96
CA SER A 350 -16.08 -8.76 9.51
C SER A 350 -17.26 -9.43 8.82
N PHE A 351 -17.58 -10.67 9.19
CA PHE A 351 -18.75 -11.29 8.60
C PHE A 351 -20.03 -10.60 9.08
N GLN A 352 -19.96 -9.81 10.16
CA GLN A 352 -21.06 -8.93 10.52
C GLN A 352 -21.24 -7.83 9.49
N LEU A 353 -20.16 -7.14 9.15
CA LEU A 353 -20.22 -6.09 8.13
C LEU A 353 -20.73 -6.65 6.79
N LEU A 354 -20.39 -7.90 6.47
CA LEU A 354 -20.76 -8.44 5.17
C LEU A 354 -22.27 -8.43 4.95
N ALA A 355 -23.04 -8.53 6.02
CA ALA A 355 -24.49 -8.49 5.87
C ALA A 355 -24.93 -7.14 5.32
N HIS A 356 -24.27 -6.07 5.76
CA HIS A 356 -24.63 -4.70 5.44
C HIS A 356 -23.88 -4.11 4.25
N PHE A 357 -22.95 -4.88 3.65
CA PHE A 357 -22.05 -4.35 2.62
C PHE A 357 -21.74 -5.46 1.61
N HIS A 358 -22.14 -5.25 0.34
CA HIS A 358 -21.81 -6.22 -0.71
C HIS A 358 -20.71 -5.67 -1.61
N PRO A 359 -19.50 -6.12 -1.45
CA PRO A 359 -18.41 -5.67 -2.30
C PRO A 359 -18.15 -6.65 -3.40
N ALA A 360 -17.45 -6.20 -4.44
CA ALA A 360 -17.16 -7.13 -5.52
C ALA A 360 -16.12 -8.14 -5.09
N PHE A 361 -15.28 -7.80 -4.11
CA PHE A 361 -14.15 -8.65 -3.74
C PHE A 361 -13.68 -8.39 -2.32
N LEU A 362 -12.88 -9.34 -1.80
CA LEU A 362 -12.26 -9.27 -0.48
C LEU A 362 -10.76 -9.54 -0.56
N LYS A 363 -9.98 -8.74 0.15
CA LYS A 363 -8.54 -8.94 0.27
C LYS A 363 -8.22 -9.37 1.69
N LEU A 364 -7.77 -10.62 1.83
CA LEU A 364 -7.60 -11.23 3.13
C LEU A 364 -6.42 -10.66 3.88
N ASP A 365 -6.63 -10.42 5.19
CA ASP A 365 -5.60 -9.78 6.01
C ASP A 365 -4.37 -10.67 6.09
N ARG A 366 -3.18 -10.04 6.02
CA ARG A 366 -1.92 -10.76 5.99
C ARG A 366 -1.78 -11.71 7.16
N GLY A 367 -2.36 -11.36 8.32
CA GLY A 367 -2.27 -12.24 9.46
C GLY A 367 -2.88 -13.60 9.20
N ILE A 368 -3.95 -13.63 8.42
CA ILE A 368 -4.56 -14.90 8.06
C ILE A 368 -3.67 -15.67 7.09
N THR A 369 -3.30 -15.04 5.98
CA THR A 369 -2.74 -15.74 4.82
C THR A 369 -1.24 -15.96 4.90
N GLY A 370 -0.54 -15.29 5.81
CA GLY A 370 0.91 -15.40 5.82
C GLY A 370 1.39 -16.80 6.12
N ASP A 371 0.67 -17.50 7.00
CA ASP A 371 1.10 -18.75 7.59
C ASP A 371 0.34 -19.94 7.05
N ILE A 372 -0.59 -19.72 6.11
CA ILE A 372 -1.52 -20.77 5.70
C ILE A 372 -0.76 -22.02 5.28
N ALA A 373 0.43 -21.84 4.74
CA ALA A 373 1.34 -22.94 4.46
C ALA A 373 1.36 -23.96 5.60
N SER A 374 1.31 -23.47 6.85
CA SER A 374 1.74 -24.22 8.03
C SER A 374 0.94 -23.72 9.22
N ALA A 375 -0.38 -23.94 9.17
CA ALA A 375 -1.21 -23.84 10.36
C ALA A 375 -2.45 -24.73 10.24
N ARG A 376 -3.28 -24.70 11.27
CA ARG A 376 -4.65 -25.18 11.15
C ARG A 376 -5.70 -24.09 11.41
N ASP A 377 -5.35 -23.09 12.23
CA ASP A 377 -6.18 -21.90 12.39
C ASP A 377 -6.49 -21.30 11.02
N SER A 378 -5.46 -21.04 10.24
CA SER A 378 -5.58 -20.22 9.03
C SER A 378 -6.46 -20.88 7.96
N GLN A 379 -6.00 -21.98 7.37
CA GLN A 379 -6.79 -22.68 6.35
C GLN A 379 -8.17 -23.07 6.85
N GLU A 380 -8.33 -23.33 8.16
CA GLU A 380 -9.71 -23.43 8.61
C GLU A 380 -10.47 -22.14 8.28
N LYS A 381 -9.94 -21.01 8.77
CA LYS A 381 -10.60 -19.72 8.59
C LYS A 381 -10.86 -19.42 7.13
N ILE A 382 -9.88 -19.71 6.28
CA ILE A 382 -9.94 -19.29 4.89
C ILE A 382 -11.02 -20.07 4.15
N ARG A 383 -10.93 -21.41 4.15
CA ARG A 383 -11.97 -22.19 3.49
C ARG A 383 -13.34 -21.83 4.02
N GLU A 384 -13.44 -21.43 5.29
CA GLU A 384 -14.69 -20.89 5.78
C GLU A 384 -15.09 -19.63 5.01
N ILE A 385 -14.15 -18.69 4.89
CA ILE A 385 -14.39 -17.42 4.22
C ILE A 385 -14.77 -17.61 2.75
N THR A 386 -14.03 -18.47 2.05
CA THR A 386 -14.29 -18.70 0.63
C THR A 386 -15.60 -19.43 0.43
N SER A 387 -15.84 -20.48 1.22
CA SER A 387 -17.11 -21.21 1.13
C SER A 387 -18.28 -20.25 1.29
N ARG A 388 -18.18 -19.28 2.21
CA ARG A 388 -19.24 -18.29 2.33
C ARG A 388 -19.19 -17.25 1.21
N ALA A 389 -18.03 -17.05 0.59
CA ALA A 389 -17.82 -15.91 -0.29
C ALA A 389 -18.15 -16.20 -1.76
N GLN A 390 -17.82 -17.38 -2.24
CA GLN A 390 -18.04 -17.77 -3.63
C GLN A 390 -19.51 -17.58 -4.05
N PRO A 391 -20.49 -18.17 -3.35
CA PRO A 391 -21.88 -18.11 -3.87
C PRO A 391 -22.50 -16.72 -3.86
N ALA A 392 -22.08 -15.85 -2.94
CA ALA A 392 -22.52 -14.46 -2.96
C ALA A 392 -22.07 -13.72 -4.21
N GLY A 393 -21.18 -14.31 -5.01
CA GLY A 393 -20.56 -13.60 -6.11
C GLY A 393 -19.45 -12.66 -5.67
N ILE A 394 -18.83 -12.97 -4.54
CA ILE A 394 -17.79 -12.13 -3.94
C ILE A 394 -16.43 -12.79 -4.18
N LEU A 395 -15.52 -12.05 -4.81
CA LEU A 395 -14.20 -12.56 -5.17
C LEU A 395 -13.26 -12.51 -3.98
N THR A 396 -12.53 -13.60 -3.75
CA THR A 396 -11.56 -13.67 -2.66
C THR A 396 -10.17 -13.55 -3.23
N MET A 397 -9.37 -12.70 -2.60
CA MET A 397 -8.02 -12.47 -3.08
C MET A 397 -7.06 -12.49 -1.90
N ALA A 398 -5.87 -13.02 -2.16
CA ALA A 398 -4.79 -13.15 -1.20
C ALA A 398 -3.64 -12.22 -1.55
N GLU A 399 -3.07 -11.59 -0.52
CA GLU A 399 -1.96 -10.66 -0.64
C GLU A 399 -0.72 -11.28 -0.01
N PHE A 400 0.43 -10.78 -0.44
CA PHE A 400 1.72 -11.09 0.16
C PHE A 400 2.03 -12.57 0.05
N VAL A 401 1.91 -13.07 -1.16
CA VAL A 401 2.29 -14.44 -1.43
C VAL A 401 3.79 -14.49 -1.66
N ALA A 402 4.46 -15.35 -0.93
CA ALA A 402 5.91 -15.43 -0.98
C ALA A 402 6.47 -16.82 -1.27
N ASP A 403 5.70 -17.89 -1.13
CA ASP A 403 6.20 -19.25 -1.30
C ASP A 403 5.15 -20.10 -2.01
N ALA A 404 5.57 -21.30 -2.45
CA ALA A 404 4.72 -22.11 -3.31
C ALA A 404 3.68 -22.89 -2.51
N GLN A 405 4.03 -23.30 -1.29
CA GLN A 405 3.06 -24.01 -0.45
C GLN A 405 1.88 -23.12 -0.12
N SER A 406 2.14 -21.83 0.11
CA SER A 406 1.05 -20.88 0.23
C SER A 406 0.10 -21.02 -0.96
N MET A 407 0.64 -20.94 -2.17
CA MET A 407 -0.20 -20.95 -3.37
C MET A 407 -1.00 -22.23 -3.48
N SER A 408 -0.40 -23.40 -3.18
CA SER A 408 -1.17 -24.64 -3.27
C SER A 408 -2.28 -24.65 -2.24
N SER A 409 -2.05 -24.05 -1.09
CA SER A 409 -3.10 -23.98 -0.09
C SER A 409 -4.23 -23.08 -0.56
N PHE A 410 -3.86 -21.88 -1.02
CA PHE A 410 -4.84 -20.92 -1.54
C PHE A 410 -5.62 -21.51 -2.69
N PHE A 411 -4.96 -22.34 -3.48
CA PHE A 411 -5.59 -22.92 -4.64
C PHE A 411 -6.57 -23.99 -4.24
N SER A 412 -6.06 -25.04 -3.57
CA SER A 412 -6.93 -26.07 -3.05
C SER A 412 -8.13 -25.45 -2.33
N ALA A 413 -7.91 -24.27 -1.71
CA ALA A 413 -8.90 -23.52 -0.94
C ALA A 413 -9.80 -22.60 -1.77
N GLY A 414 -9.52 -22.44 -3.06
CA GLY A 414 -10.40 -21.68 -3.93
C GLY A 414 -10.23 -20.18 -3.95
N VAL A 415 -9.13 -19.64 -3.39
CA VAL A 415 -8.92 -18.21 -3.46
C VAL A 415 -8.84 -17.80 -4.93
N ASP A 416 -9.45 -16.65 -5.26
CA ASP A 416 -9.60 -16.31 -6.67
C ASP A 416 -8.35 -15.66 -7.25
N TYR A 417 -7.75 -14.72 -6.51
CA TYR A 417 -6.63 -13.94 -7.00
C TYR A 417 -5.50 -13.93 -5.97
N VAL A 418 -4.26 -13.79 -6.46
CA VAL A 418 -3.06 -13.80 -5.62
C VAL A 418 -2.04 -12.82 -6.20
N GLN A 419 -1.37 -12.11 -5.33
CA GLN A 419 -0.34 -11.15 -5.73
C GLN A 419 0.75 -11.15 -4.68
N GLY A 420 1.97 -10.94 -5.11
CA GLY A 420 3.05 -10.92 -4.16
C GLY A 420 4.34 -11.18 -4.88
N ASP A 421 5.39 -11.20 -4.07
CA ASP A 421 6.73 -11.27 -4.65
C ASP A 421 6.97 -12.63 -5.30
N PHE A 422 6.35 -13.69 -4.80
CA PHE A 422 6.40 -14.97 -5.52
C PHE A 422 5.79 -14.83 -6.90
N VAL A 423 4.53 -14.44 -6.95
CA VAL A 423 3.78 -14.23 -8.17
C VAL A 423 4.60 -13.38 -9.10
N ALA A 424 4.80 -12.15 -8.69
CA ALA A 424 5.36 -11.18 -9.58
C ALA A 424 5.60 -9.92 -8.79
N PRO A 425 6.72 -9.28 -9.04
CA PRO A 425 7.12 -8.11 -8.26
C PRO A 425 6.47 -6.85 -8.82
N THR A 426 6.64 -5.78 -8.07
CA THR A 426 6.06 -4.49 -8.42
C THR A 426 7.05 -3.70 -9.28
N GLY A 427 6.53 -3.05 -10.32
CA GLY A 427 7.33 -2.21 -11.18
C GLY A 427 6.56 -1.03 -11.73
N PRO A 428 7.18 -0.24 -12.63
CA PRO A 428 6.51 0.90 -13.25
C PRO A 428 5.97 0.65 -14.65
N LEU A 429 6.17 -0.56 -15.17
CA LEU A 429 5.68 -0.97 -16.47
C LEU A 429 4.79 -2.19 -16.34
N MET A 430 3.70 -2.18 -17.09
CA MET A 430 2.82 -3.34 -17.20
C MET A 430 3.40 -4.23 -18.28
N ASN A 431 4.05 -5.32 -17.87
CA ASN A 431 4.70 -6.19 -18.83
C ASN A 431 4.55 -7.68 -18.51
N TYR A 432 3.64 -8.08 -17.60
CA TYR A 432 3.51 -9.47 -17.21
C TYR A 432 2.66 -10.20 -18.25
N GLU A 433 3.14 -11.39 -18.65
CA GLU A 433 2.39 -12.26 -19.54
C GLU A 433 1.56 -13.19 -18.66
N PHE A 434 0.30 -12.78 -18.44
CA PHE A 434 -0.66 -13.60 -17.74
C PHE A 434 -0.90 -14.86 -18.55
N GLY A 435 -1.66 -14.74 -19.64
CA GLY A 435 -1.93 -15.84 -20.54
C GLY A 435 -2.59 -15.43 -21.86
N GLY B 9 21.19 -8.81 2.49
CA GLY B 9 21.72 -9.51 3.65
C GLY B 9 21.61 -8.73 4.95
N ILE B 10 22.77 -8.39 5.51
CA ILE B 10 22.87 -7.67 6.79
C ILE B 10 23.26 -6.23 6.53
N LEU B 11 22.42 -5.31 6.98
CA LEU B 11 22.75 -3.90 6.99
C LEU B 11 23.23 -3.50 8.38
N SER B 12 24.09 -2.50 8.41
CA SER B 12 24.56 -1.92 9.66
C SER B 12 24.66 -0.42 9.52
N LEU B 13 24.48 0.26 10.65
CA LEU B 13 24.58 1.71 10.71
C LEU B 13 24.95 2.09 12.12
N ALA B 14 26.07 2.79 12.25
CA ALA B 14 26.58 3.23 13.55
C ALA B 14 26.59 4.75 13.59
N LEU B 15 25.81 5.31 14.49
CA LEU B 15 25.76 6.75 14.68
C LEU B 15 26.65 7.08 15.88
N LYS B 16 27.64 7.94 15.70
CA LYS B 16 28.59 8.19 16.78
C LYS B 16 28.14 9.33 17.69
N ASP B 17 27.40 10.28 17.14
CA ASP B 17 26.96 11.43 17.91
C ASP B 17 25.55 11.78 17.50
N LYS B 18 24.90 12.60 18.32
CA LYS B 18 23.55 13.01 18.01
C LYS B 18 23.41 13.73 16.68
N PRO B 19 24.41 14.45 16.17
CA PRO B 19 24.33 14.94 14.78
C PRO B 19 24.14 13.87 13.70
N ALA B 20 24.90 12.77 13.74
CA ALA B 20 24.75 11.72 12.72
C ALA B 20 23.39 11.03 12.85
N LEU B 21 22.92 10.87 14.09
CA LEU B 21 21.58 10.38 14.35
C LEU B 21 20.53 11.27 13.69
N TYR B 22 20.55 12.56 14.01
CA TYR B 22 19.60 13.51 13.44
C TYR B 22 19.62 13.53 11.91
N SER B 23 20.82 13.37 11.31
CA SER B 23 20.88 13.34 9.85
C SER B 23 20.27 12.05 9.28
N ALA B 24 20.39 10.92 10.02
CA ALA B 24 19.75 9.68 9.58
C ALA B 24 18.26 9.65 9.90
N TYR B 25 17.92 9.99 11.14
CA TYR B 25 16.56 9.79 11.61
C TYR B 25 15.56 10.54 10.76
N MET B 26 14.48 9.83 10.38
CA MET B 26 13.37 10.32 9.58
C MET B 26 12.16 10.41 10.49
N PRO B 27 11.93 11.53 11.15
CA PRO B 27 10.88 11.59 12.18
C PRO B 27 9.45 11.62 11.65
N PHE B 28 9.27 12.03 10.40
CA PHE B 28 7.95 12.25 9.83
C PHE B 28 7.36 10.99 9.24
N VAL B 29 8.23 10.01 8.99
CA VAL B 29 7.81 8.67 8.66
C VAL B 29 6.78 8.18 9.67
N LYS B 30 5.83 7.41 9.15
CA LYS B 30 4.77 6.80 9.95
C LYS B 30 5.42 5.81 10.92
N GLY B 31 5.60 6.23 12.17
CA GLY B 31 6.20 5.40 13.21
C GLY B 31 7.72 5.42 13.28
N GLY B 32 8.36 6.49 12.80
CA GLY B 32 9.80 6.63 12.76
C GLY B 32 10.50 5.92 11.62
N GLY B 33 11.66 6.42 11.20
CA GLY B 33 12.44 5.75 10.18
C GLY B 33 13.89 6.13 10.34
N ILE B 34 14.74 5.43 9.60
CA ILE B 34 16.16 5.74 9.63
C ILE B 34 16.77 5.54 8.26
N PHE B 35 17.61 6.49 7.85
CA PHE B 35 18.28 6.42 6.57
C PHE B 35 19.56 5.60 6.73
N VAL B 36 19.63 4.48 6.03
CA VAL B 36 20.79 3.57 6.07
C VAL B 36 21.44 3.62 4.70
N PRO B 37 22.66 4.16 4.60
CA PRO B 37 23.39 4.07 3.34
C PRO B 37 23.72 2.64 2.99
N THR B 38 23.57 2.30 1.72
CA THR B 38 24.04 1.03 1.25
C THR B 38 24.32 1.19 -0.23
N PRO B 39 25.40 0.58 -0.71
CA PRO B 39 25.57 0.50 -2.17
C PRO B 39 24.48 -0.32 -2.81
N LYS B 40 24.10 -1.45 -2.20
CA LYS B 40 23.10 -2.34 -2.78
C LYS B 40 21.81 -1.57 -3.05
N ARG B 41 21.03 -2.09 -3.98
CA ARG B 41 19.83 -1.41 -4.48
C ARG B 41 18.58 -2.19 -4.10
N TYR B 42 17.63 -1.51 -3.46
CA TYR B 42 16.41 -2.11 -2.98
C TYR B 42 15.21 -1.43 -3.65
N MET B 43 14.08 -2.15 -3.69
CA MET B 43 12.82 -1.65 -4.22
C MET B 43 11.92 -1.32 -3.04
N LEU B 44 11.03 -0.34 -3.21
CA LEU B 44 10.25 0.12 -2.06
C LEU B 44 9.32 -0.98 -1.56
N GLY B 45 9.05 -0.96 -0.26
CA GLY B 45 8.39 -2.04 0.39
C GLY B 45 9.15 -3.34 0.45
N ASP B 46 10.41 -3.36 0.03
CA ASP B 46 11.24 -4.51 0.34
C ASP B 46 11.51 -4.53 1.83
N GLU B 47 11.66 -5.72 2.35
CA GLU B 47 11.75 -5.96 3.78
C GLU B 47 13.19 -6.26 4.13
N VAL B 48 13.80 -5.39 4.93
CA VAL B 48 15.23 -5.45 5.21
C VAL B 48 15.47 -5.79 6.67
N PHE B 49 16.67 -6.30 6.91
CA PHE B 49 17.20 -6.50 8.24
C PHE B 49 18.42 -5.61 8.42
N LEU B 50 18.40 -4.85 9.50
CA LEU B 50 19.32 -3.77 9.77
C LEU B 50 19.78 -3.87 11.22
N LEU B 51 21.06 -3.57 11.45
CA LEU B 51 21.64 -3.59 12.80
C LEU B 51 22.07 -2.17 13.18
N LEU B 52 21.31 -1.54 14.06
CA LEU B 52 21.38 -0.11 14.29
C LEU B 52 22.05 0.16 15.62
N THR B 53 23.21 0.79 15.59
CA THR B 53 23.93 1.13 16.81
C THR B 53 23.69 2.59 17.13
N LEU B 54 23.17 2.83 18.28
CA LEU B 54 22.90 4.22 18.58
C LEU B 54 24.14 4.85 19.20
N PRO B 55 24.29 6.17 19.09
CA PRO B 55 25.38 6.84 19.79
C PRO B 55 25.07 6.85 21.26
N ASP B 56 26.11 7.10 22.06
CA ASP B 56 25.95 7.03 23.51
C ASP B 56 25.35 5.68 23.88
N SER B 57 25.85 4.61 23.25
CA SER B 57 25.39 3.23 23.44
C SER B 57 26.23 2.31 22.58
N SER B 58 26.39 1.07 23.04
CA SER B 58 27.10 0.03 22.33
C SER B 58 26.19 -1.08 21.85
N GLU B 59 25.03 -1.25 22.47
CA GLU B 59 24.07 -2.26 22.05
C GLU B 59 23.68 -2.04 20.59
N ARG B 60 23.76 -3.11 19.81
CA ARG B 60 23.15 -3.15 18.49
C ARG B 60 21.67 -3.48 18.60
N LEU B 61 20.82 -2.55 18.19
CA LEU B 61 19.39 -2.78 18.15
C LEU B 61 19.04 -3.49 16.85
N PRO B 62 18.25 -4.59 16.89
CA PRO B 62 17.91 -5.30 15.64
C PRO B 62 16.60 -4.83 15.02
N VAL B 63 16.67 -4.22 13.84
CA VAL B 63 15.51 -3.63 13.19
C VAL B 63 15.18 -4.46 11.97
N ALA B 64 13.97 -5.04 11.96
CA ALA B 64 13.40 -5.68 10.77
C ALA B 64 12.38 -4.72 10.20
N GLY B 65 12.80 -3.97 9.18
CA GLY B 65 12.05 -2.83 8.71
C GLY B 65 11.73 -2.92 7.23
N LYS B 66 11.08 -1.87 6.73
CA LYS B 66 10.61 -1.83 5.35
C LYS B 66 11.26 -0.65 4.61
N VAL B 67 11.60 -0.84 3.34
CA VAL B 67 12.11 0.27 2.53
C VAL B 67 10.98 1.23 2.16
N ILE B 68 11.22 2.52 2.37
CA ILE B 68 10.23 3.55 2.09
C ILE B 68 10.90 4.77 1.49
N TRP B 69 12.16 4.60 1.13
CA TRP B 69 12.88 5.65 0.44
C TRP B 69 14.05 4.98 -0.26
N THR B 70 14.19 5.25 -1.55
CA THR B 70 15.36 4.84 -2.29
C THR B 70 15.98 6.10 -2.85
N THR B 71 17.18 6.42 -2.39
CA THR B 71 17.99 7.43 -3.04
C THR B 71 19.22 6.76 -3.63
N PRO B 72 19.52 7.02 -4.91
CA PRO B 72 20.66 6.42 -5.61
C PRO B 72 21.82 7.38 -5.86
N ASN B 78 20.02 15.38 -3.80
CA ASN B 78 20.27 15.46 -2.35
C ASN B 78 21.60 14.75 -1.98
N ARG B 79 21.63 14.00 -0.87
CA ARG B 79 22.88 13.45 -0.32
C ARG B 79 22.76 11.96 0.00
N ALA B 80 23.92 11.32 0.10
CA ALA B 80 24.08 9.91 0.45
C ALA B 80 23.45 8.96 -0.56
N ALA B 81 23.84 7.68 -0.52
CA ALA B 81 23.44 6.71 -1.54
C ALA B 81 22.81 5.47 -0.93
N GLY B 82 21.70 5.65 -0.22
CA GLY B 82 21.05 4.54 0.43
C GLY B 82 19.54 4.41 0.41
N ILE B 83 18.95 4.08 1.57
CA ILE B 83 17.57 3.61 1.68
C ILE B 83 16.97 4.02 3.02
N GLY B 84 15.69 4.38 3.01
CA GLY B 84 14.97 4.68 4.24
C GLY B 84 14.30 3.45 4.78
N VAL B 85 14.57 3.13 6.04
CA VAL B 85 14.10 1.91 6.65
C VAL B 85 13.12 2.26 7.74
N GLN B 86 11.87 1.84 7.52
CA GLN B 86 10.76 2.10 8.42
C GLN B 86 10.73 1.07 9.53
N PHE B 87 10.60 1.58 10.75
CA PHE B 87 10.60 0.77 11.95
C PHE B 87 9.28 0.02 12.07
N PRO B 88 9.32 -1.24 12.52
CA PRO B 88 8.07 -1.99 12.71
C PRO B 88 7.19 -1.36 13.77
N ASP B 89 5.88 -1.46 13.56
CA ASP B 89 4.90 -0.83 14.45
C ASP B 89 4.70 -1.59 15.75
N GLY B 90 5.32 -2.75 15.90
CA GLY B 90 5.25 -3.46 17.14
C GLY B 90 5.92 -2.69 18.25
N PRO B 91 5.75 -3.14 19.48
CA PRO B 91 6.55 -2.61 20.58
C PRO B 91 8.06 -2.65 20.32
N GLU B 92 8.55 -3.67 19.62
CA GLU B 92 9.99 -3.80 19.43
C GLU B 92 10.56 -2.65 18.59
N GLY B 93 9.72 -2.02 17.77
CA GLY B 93 10.18 -0.91 16.95
C GLY B 93 9.90 0.45 17.57
N GLU B 94 8.72 0.59 18.16
CA GLU B 94 8.44 1.75 19.00
C GLU B 94 9.55 1.96 20.02
N ALA B 95 10.15 0.86 20.48
CA ALA B 95 11.24 0.95 21.45
C ALA B 95 12.42 1.76 20.91
N VAL B 96 12.88 1.40 19.70
CA VAL B 96 14.04 2.08 19.13
C VAL B 96 13.70 3.53 18.78
N ARG B 97 12.48 3.76 18.30
CA ARG B 97 12.05 5.14 18.02
C ARG B 97 12.13 6.00 19.27
N ASN B 98 11.72 5.45 20.41
CA ASN B 98 11.76 6.23 21.64
C ASN B 98 13.19 6.43 22.14
N LYS B 99 14.02 5.40 22.01
CA LYS B 99 15.44 5.55 22.33
C LYS B 99 16.02 6.74 21.57
N ILE B 100 15.73 6.82 20.28
CA ILE B 100 16.32 7.85 19.44
C ILE B 100 15.73 9.23 19.77
N GLU B 101 14.41 9.30 19.95
CA GLU B 101 13.78 10.58 20.25
C GLU B 101 14.24 11.12 21.58
N THR B 102 14.49 10.22 22.53
CA THR B 102 15.15 10.58 23.77
C THR B 102 16.52 11.18 23.50
N LEU B 103 17.35 10.47 22.73
CA LEU B 103 18.72 10.95 22.53
C LEU B 103 18.75 12.35 21.92
N LEU B 104 17.80 12.66 21.04
CA LEU B 104 17.95 13.89 20.27
C LEU B 104 17.59 15.16 21.04
N ALA B 105 16.66 15.08 21.98
CA ALA B 105 16.37 16.24 22.83
C ALA B 105 17.24 16.21 24.09
N GLY B 106 18.56 16.24 23.86
CA GLY B 106 19.53 16.21 24.94
C GLY B 106 20.53 17.34 24.91
#